data_4G6Z
#
_entry.id   4G6Z
#
_cell.length_a   88.950
_cell.length_b   88.950
_cell.length_c   132.270
_cell.angle_alpha   90.000
_cell.angle_beta   90.000
_cell.angle_gamma   90.000
#
_symmetry.space_group_name_H-M   'P 41 21 2'
#
loop_
_entity.id
_entity.type
_entity.pdbx_description
1 polymer 'Glutamate-tRNA ligase'
2 non-polymer 'GLUTAMIC ACID'
3 non-polymer (4S)-2-METHYL-2,4-PENTANEDIOL
4 non-polymer 'SODIUM ION'
5 non-polymer 'CHLORIDE ION'
6 water water
#
_entity_poly.entity_id   1
_entity_poly.type   'polypeptide(L)'
_entity_poly.pdbx_seq_one_letter_code
;MAHHHHHHMGTLEAQTQGPGSMTRPVRTRFAPSPTGFIHLGNIRSALYPWAFARKMKGTFVLRIEDTDVERSSQEAVDAI
LEGMAWLGLDYDEGPYYQMQRMDRYREVLAQMQEKGLVYP(OCS)YMSTEELDALRERQRAAGEKPRYDGTWRPEPGKVL
PEPPAGVAPVLRFRNPLTGTVAWDDAVKGRVEISNEELDDLVVARPDGTPMYNFCVVVDDLDMGITHVIRGDDHVNNTPR
QINILRALGGEVPVYAHLPTVLNEQGEKMSKRHGAMSVMGYRDAGYLPEAVLNYLARLGWSHGDAEIFTREQFVEWFDLE
HLGKSPAQYDHNKLNWLNNHYIKEADDARLAGLAKPFFAALGIDAGAIEQGPDLVSVMGLMKDRASTVKEIAENSAMFYR
APAPGADALAQHVTDAVRPALVEFAAALKTVEWTKEAIAAALKAVLGAHKLKMPQLAMPVRLLVAGTTHTPSIDAVLLLF
GRDVVVSRIEAALA
;
_entity_poly.pdbx_strand_id   A
#
# COMPACT_ATOMS: atom_id res chain seq x y z
N ARG A 24 3.81 12.15 22.90
CA ARG A 24 2.82 11.03 22.97
C ARG A 24 3.12 9.98 21.91
N PRO A 25 2.72 8.75 22.15
CA PRO A 25 3.09 7.73 21.20
C PRO A 25 2.49 7.96 19.79
N VAL A 26 3.23 7.55 18.80
CA VAL A 26 2.83 7.66 17.41
C VAL A 26 1.71 6.65 17.02
N ARG A 27 0.72 7.13 16.27
CA ARG A 27 -0.38 6.31 15.74
C ARG A 27 -0.55 6.67 14.26
N THR A 28 -0.19 5.72 13.39
CA THR A 28 -0.28 5.88 11.95
C THR A 28 -1.34 4.94 11.42
N ARG A 29 -1.67 5.09 10.12
CA ARG A 29 -2.61 4.14 9.47
C ARG A 29 -2.35 3.93 7.99
N PHE A 30 -2.93 2.84 7.49
CA PHE A 30 -2.98 2.56 6.08
C PHE A 30 -4.46 2.37 5.88
N ALA A 31 -5.03 3.14 4.94
CA ALA A 31 -6.47 3.20 4.75
C ALA A 31 -6.85 3.03 3.29
N PRO A 32 -6.52 1.88 2.70
CA PRO A 32 -6.82 1.62 1.31
C PRO A 32 -8.32 1.53 0.95
N SER A 33 -8.64 2.12 -0.18
CA SER A 33 -9.91 1.86 -0.88
C SER A 33 -9.75 0.57 -1.69
N PRO A 34 -10.62 -0.43 -1.48
CA PRO A 34 -10.35 -1.72 -2.15
C PRO A 34 -10.93 -1.83 -3.56
N THR A 35 -10.24 -1.26 -4.51
CA THR A 35 -10.74 -1.18 -5.89
C THR A 35 -10.34 -2.37 -6.79
N GLY A 36 -9.67 -3.38 -6.24
CA GLY A 36 -9.39 -4.63 -6.97
C GLY A 36 -7.98 -4.84 -7.50
N PHE A 37 -7.12 -3.83 -7.39
CA PHE A 37 -5.75 -3.95 -7.93
C PHE A 37 -4.79 -3.14 -7.09
N ILE A 38 -3.63 -3.74 -6.77
CA ILE A 38 -2.61 -3.07 -5.95
C ILE A 38 -1.27 -3.20 -6.66
N HIS A 39 -0.60 -2.07 -6.93
CA HIS A 39 0.74 -2.11 -7.49
C HIS A 39 1.78 -1.68 -6.43
N LEU A 40 3.05 -1.61 -6.82
CA LEU A 40 4.13 -1.20 -5.90
C LEU A 40 3.90 0.19 -5.26
N GLY A 41 3.43 1.15 -6.05
CA GLY A 41 3.07 2.50 -5.57
C GLY A 41 2.02 2.46 -4.45
N ASN A 42 1.00 1.62 -4.61
CA ASN A 42 -0.04 1.46 -3.62
C ASN A 42 0.51 0.86 -2.31
N ILE A 43 1.27 -0.23 -2.39
CA ILE A 43 1.71 -0.92 -1.20
C ILE A 43 2.83 -0.10 -0.51
N ARG A 44 3.53 0.73 -1.26
CA ARG A 44 4.46 1.66 -0.63
C ARG A 44 3.73 2.59 0.38
N SER A 45 2.46 2.91 0.10
CA SER A 45 1.72 3.76 1.04
C SER A 45 1.28 3.00 2.31
N ALA A 46 1.48 1.68 2.34
CA ALA A 46 1.39 0.88 3.56
C ALA A 46 2.76 0.79 4.27
N LEU A 47 3.82 0.59 3.46
CA LEU A 47 5.17 0.39 3.98
C LEU A 47 5.67 1.57 4.84
N TYR A 48 5.45 2.78 4.37
CA TYR A 48 5.96 3.95 5.08
C TYR A 48 5.28 4.23 6.44
N PRO A 49 3.94 4.22 6.52
CA PRO A 49 3.34 4.34 7.85
C PRO A 49 3.63 3.15 8.78
N TRP A 50 3.78 1.95 8.22
CA TRP A 50 4.15 0.80 9.02
C TRP A 50 5.53 1.09 9.60
N ALA A 51 6.47 1.45 8.74
CA ALA A 51 7.84 1.69 9.17
C ALA A 51 7.92 2.84 10.20
N PHE A 52 7.16 3.93 9.98
CA PHE A 52 7.22 5.03 10.92
C PHE A 52 6.69 4.61 12.30
N ALA A 53 5.55 3.94 12.35
CA ALA A 53 5.08 3.35 13.60
C ALA A 53 6.12 2.44 14.29
N ARG A 54 6.67 1.46 13.57
CA ARG A 54 7.64 0.55 14.16
C ARG A 54 8.88 1.32 14.66
N LYS A 55 9.35 2.29 13.89
CA LYS A 55 10.52 3.09 14.28
C LYS A 55 10.26 3.83 15.60
N MET A 56 9.06 4.37 15.76
CA MET A 56 8.76 5.18 16.95
C MET A 56 8.13 4.36 18.06
N LYS A 57 8.21 3.03 17.95
CA LYS A 57 7.52 2.14 18.89
C LYS A 57 6.05 2.54 19.09
N GLY A 58 5.36 2.83 18.01
CA GLY A 58 3.97 3.26 18.09
C GLY A 58 3.01 2.22 17.54
N THR A 59 1.87 2.69 17.08
CA THR A 59 0.80 1.81 16.61
C THR A 59 0.49 2.05 15.13
N PHE A 60 0.33 0.96 14.38
CA PHE A 60 -0.09 0.99 12.97
C PHE A 60 -1.47 0.38 12.82
N VAL A 61 -2.42 1.18 12.33
CA VAL A 61 -3.82 0.82 12.24
C VAL A 61 -4.17 0.51 10.80
N LEU A 62 -4.95 -0.54 10.57
CA LEU A 62 -5.49 -0.81 9.21
C LEU A 62 -6.97 -0.48 9.14
N ARG A 63 -7.34 0.36 8.16
CA ARG A 63 -8.72 0.74 7.91
C ARG A 63 -9.03 0.38 6.47
N ILE A 64 -10.21 -0.15 6.22
CA ILE A 64 -10.64 -0.43 4.87
C ILE A 64 -11.70 0.60 4.51
N GLU A 65 -11.44 1.39 3.48
CA GLU A 65 -12.36 2.42 3.02
C GLU A 65 -13.30 1.90 1.93
N ASP A 66 -14.35 1.19 2.36
CA ASP A 66 -15.24 0.52 1.42
C ASP A 66 -16.58 1.23 1.13
N THR A 67 -16.70 2.53 1.34
CA THR A 67 -18.05 3.16 1.21
C THR A 67 -18.57 3.28 -0.23
N ASP A 68 -17.69 3.10 -1.21
CA ASP A 68 -18.11 3.01 -2.60
C ASP A 68 -18.33 1.53 -2.92
N VAL A 69 -19.52 1.02 -2.58
CA VAL A 69 -19.85 -0.41 -2.72
C VAL A 69 -19.70 -0.90 -4.18
N GLU A 70 -19.94 0.01 -5.12
CA GLU A 70 -19.75 -0.25 -6.55
C GLU A 70 -18.30 -0.59 -6.90
N ARG A 71 -17.36 0.11 -6.28
CA ARG A 71 -15.94 -0.08 -6.57
C ARG A 71 -15.17 -0.81 -5.44
N SER A 72 -15.88 -1.59 -4.62
CA SER A 72 -15.26 -2.34 -3.50
C SER A 72 -15.74 -3.80 -3.53
N SER A 73 -14.91 -4.72 -3.03
CA SER A 73 -15.28 -6.15 -2.91
C SER A 73 -14.43 -6.88 -1.86
N GLN A 74 -14.93 -8.01 -1.39
CA GLN A 74 -14.19 -8.85 -0.43
C GLN A 74 -12.88 -9.38 -1.03
N GLU A 75 -12.94 -9.74 -2.32
CA GLU A 75 -11.77 -10.24 -3.03
C GLU A 75 -10.67 -9.18 -2.95
N ALA A 76 -11.04 -7.94 -3.25
CA ALA A 76 -10.09 -6.83 -3.16
C ALA A 76 -9.47 -6.74 -1.76
N VAL A 77 -10.30 -6.87 -0.72
CA VAL A 77 -9.81 -6.80 0.66
C VAL A 77 -8.78 -7.91 0.93
N ASP A 78 -9.11 -9.16 0.56
CA ASP A 78 -8.22 -10.28 0.85
C ASP A 78 -6.91 -10.08 0.10
N ALA A 79 -6.96 -9.48 -1.10
CA ALA A 79 -5.72 -9.25 -1.84
C ALA A 79 -4.81 -8.20 -1.16
N ILE A 80 -5.43 -7.18 -0.55
CA ILE A 80 -4.70 -6.22 0.26
C ILE A 80 -4.05 -6.93 1.45
N LEU A 81 -4.83 -7.73 2.17
CA LEU A 81 -4.28 -8.41 3.33
C LEU A 81 -3.16 -9.38 2.94
N GLU A 82 -3.29 -10.02 1.77
CA GLU A 82 -2.29 -10.97 1.29
C GLU A 82 -0.97 -10.26 0.92
N GLY A 83 -1.07 -9.13 0.23
CA GLY A 83 0.13 -8.37 -0.15
C GLY A 83 0.83 -7.81 1.09
N MET A 84 0.05 -7.24 2.01
CA MET A 84 0.60 -6.76 3.30
C MET A 84 1.32 -7.90 4.04
N ALA A 85 0.70 -9.09 4.11
CA ALA A 85 1.34 -10.22 4.82
C ALA A 85 2.58 -10.70 4.08
N TRP A 86 2.54 -10.76 2.75
CA TRP A 86 3.73 -11.15 1.98
C TRP A 86 4.94 -10.26 2.29
N LEU A 87 4.71 -8.97 2.53
CA LEU A 87 5.79 -8.04 2.81
C LEU A 87 6.04 -7.84 4.29
N GLY A 88 5.36 -8.58 5.16
CA GLY A 88 5.65 -8.47 6.60
C GLY A 88 5.10 -7.20 7.25
N LEU A 89 4.10 -6.59 6.63
CA LEU A 89 3.49 -5.35 7.16
C LEU A 89 2.35 -5.71 8.13
N ASP A 90 2.75 -6.15 9.31
CA ASP A 90 1.80 -6.51 10.37
C ASP A 90 1.17 -5.25 10.96
N TYR A 91 -0.09 -5.35 11.33
CA TYR A 91 -0.84 -4.17 11.81
C TYR A 91 -1.30 -4.46 13.24
N ASP A 92 -1.37 -3.40 14.05
CA ASP A 92 -1.65 -3.56 15.47
C ASP A 92 -3.14 -3.52 15.77
N GLU A 93 -3.90 -2.73 15.01
CA GLU A 93 -5.34 -2.60 15.20
C GLU A 93 -5.98 -2.72 13.85
N GLY A 94 -7.22 -3.19 13.84
CA GLY A 94 -8.00 -3.37 12.62
C GLY A 94 -8.07 -4.81 12.17
N PRO A 95 -8.60 -5.06 10.95
CA PRO A 95 -9.09 -4.08 9.98
C PRO A 95 -10.41 -3.43 10.41
N TYR A 96 -10.47 -2.09 10.40
CA TYR A 96 -11.73 -1.38 10.68
C TYR A 96 -12.40 -1.02 9.38
N TYR A 97 -13.59 -1.55 9.13
CA TYR A 97 -14.26 -1.27 7.87
C TYR A 97 -15.20 -0.07 8.00
N GLN A 98 -15.07 0.92 7.13
CA GLN A 98 -15.92 2.12 7.24
C GLN A 98 -17.41 1.74 7.13
N MET A 99 -17.75 0.75 6.27
CA MET A 99 -19.15 0.34 6.09
C MET A 99 -19.73 -0.29 7.37
N GLN A 100 -18.87 -0.73 8.29
CA GLN A 100 -19.34 -1.25 9.58
CA GLN A 100 -19.30 -1.28 9.59
C GLN A 100 -19.38 -0.17 10.66
N ARG A 101 -19.13 1.08 10.27
CA ARG A 101 -19.06 2.18 11.27
C ARG A 101 -20.14 3.24 11.04
N MET A 102 -21.14 2.84 10.26
CA MET A 102 -22.23 3.73 9.89
C MET A 102 -23.04 4.27 11.07
N ASP A 103 -23.26 3.47 12.12
CA ASP A 103 -23.91 3.96 13.35
C ASP A 103 -23.08 5.04 14.02
N ARG A 104 -21.77 4.83 14.13
CA ARG A 104 -20.86 5.88 14.65
C ARG A 104 -20.93 7.19 13.86
N TYR A 105 -20.84 7.08 12.54
CA TYR A 105 -20.89 8.27 11.69
C TYR A 105 -22.22 9.04 11.85
N ARG A 106 -23.32 8.32 11.86
CA ARG A 106 -24.63 8.88 12.15
C ARG A 106 -24.74 9.58 13.52
N GLU A 107 -24.16 8.98 14.56
CA GLU A 107 -24.15 9.57 15.88
C GLU A 107 -23.38 10.91 15.88
N VAL A 108 -22.20 10.94 15.26
CA VAL A 108 -21.44 12.19 15.19
C VAL A 108 -22.22 13.26 14.40
N LEU A 109 -22.88 12.87 13.32
CA LEU A 109 -23.69 13.84 12.56
C LEU A 109 -24.80 14.47 13.37
N ALA A 110 -25.48 13.65 14.19
CA ALA A 110 -26.51 14.15 15.13
C ALA A 110 -25.93 15.12 16.16
N GLN A 111 -24.78 14.79 16.73
CA GLN A 111 -24.12 15.72 17.65
C GLN A 111 -23.79 17.04 16.95
N MET A 112 -23.29 16.95 15.72
CA MET A 112 -22.93 18.15 14.97
C MET A 112 -24.14 19.02 14.66
N GLN A 113 -25.25 18.37 14.35
CA GLN A 113 -26.45 19.11 14.02
C GLN A 113 -26.97 19.82 15.27
N GLU A 114 -26.94 19.14 16.42
CA GLU A 114 -27.37 19.75 17.70
C GLU A 114 -26.47 20.96 18.02
N LYS A 115 -25.16 20.82 17.80
CA LYS A 115 -24.23 21.91 18.04
C LYS A 115 -24.19 22.96 16.92
N GLY A 116 -24.99 22.81 15.86
CA GLY A 116 -24.96 23.77 14.73
C GLY A 116 -23.74 23.72 13.78
N LEU A 117 -22.94 22.66 13.83
CA LEU A 117 -21.76 22.55 12.95
C LEU A 117 -22.09 21.99 11.58
N VAL A 118 -23.26 21.38 11.45
CA VAL A 118 -23.81 21.05 10.14
C VAL A 118 -25.25 21.59 10.02
N TYR A 119 -25.71 21.85 8.80
CA TYR A 119 -27.04 22.40 8.56
C TYR A 119 -27.66 21.77 7.33
N PRO A 120 -29.02 21.69 7.31
CA PRO A 120 -29.69 21.16 6.15
C PRO A 120 -29.73 22.13 4.95
N TYR A 122 -31.56 22.61 1.17
CA TYR A 122 -32.80 22.16 0.49
C TYR A 122 -32.89 22.53 -0.97
N MET A 123 -31.80 22.97 -1.60
CA MET A 123 -31.83 23.18 -3.04
C MET A 123 -32.15 21.87 -3.78
N ARG A 143 -18.93 26.79 -6.58
CA ARG A 143 -19.05 26.37 -5.17
C ARG A 143 -20.46 26.63 -4.61
N TYR A 144 -20.75 26.02 -3.47
CA TYR A 144 -21.98 26.32 -2.77
C TYR A 144 -21.82 27.73 -2.19
N ASP A 145 -22.89 28.50 -2.17
CA ASP A 145 -22.79 29.92 -1.76
C ASP A 145 -23.38 30.16 -0.36
N GLY A 146 -23.59 29.08 0.40
CA GLY A 146 -24.19 29.15 1.73
C GLY A 146 -25.61 29.68 1.83
N THR A 147 -26.41 29.58 0.75
CA THR A 147 -27.80 30.10 0.83
C THR A 147 -28.55 29.53 2.02
N TRP A 148 -28.34 28.26 2.35
CA TRP A 148 -29.06 27.67 3.48
C TRP A 148 -28.28 27.69 4.81
N ARG A 149 -27.10 28.28 4.83
CA ARG A 149 -26.35 28.40 6.08
C ARG A 149 -27.01 29.32 7.11
N PRO A 150 -27.40 28.79 8.29
CA PRO A 150 -27.91 29.73 9.32
C PRO A 150 -26.82 30.64 9.86
N GLU A 151 -27.15 31.92 10.02
CA GLU A 151 -26.27 32.88 10.65
C GLU A 151 -27.13 33.87 11.44
N PRO A 152 -26.65 34.27 12.61
CA PRO A 152 -27.32 35.32 13.37
C PRO A 152 -27.53 36.58 12.50
N GLY A 153 -28.75 37.11 12.48
CA GLY A 153 -29.07 38.29 11.69
C GLY A 153 -29.67 37.95 10.33
N LYS A 154 -29.47 36.70 9.85
CA LYS A 154 -29.91 36.29 8.50
C LYS A 154 -31.26 35.59 8.53
N VAL A 155 -32.09 35.88 7.56
CA VAL A 155 -33.40 35.24 7.42
C VAL A 155 -33.28 34.08 6.43
N LEU A 156 -33.71 32.89 6.85
CA LEU A 156 -33.70 31.72 5.96
C LEU A 156 -35.10 31.52 5.40
N PRO A 157 -35.20 31.07 4.15
CA PRO A 157 -36.55 30.63 3.74
C PRO A 157 -37.15 29.52 4.62
N GLU A 158 -38.45 29.28 4.46
CA GLU A 158 -39.07 28.06 5.02
C GLU A 158 -38.65 26.87 4.13
N PRO A 159 -38.35 25.71 4.74
CA PRO A 159 -37.95 24.56 3.89
C PRO A 159 -39.08 24.09 2.97
N PRO A 160 -38.78 23.85 1.68
CA PRO A 160 -39.76 23.27 0.75
C PRO A 160 -40.33 21.95 1.26
N ALA A 161 -41.66 21.87 1.33
CA ALA A 161 -42.36 20.75 1.95
C ALA A 161 -41.98 19.38 1.39
N GLY A 162 -41.70 19.31 0.09
CA GLY A 162 -41.42 18.03 -0.54
C GLY A 162 -40.00 17.47 -0.44
N VAL A 163 -39.11 18.14 0.32
CA VAL A 163 -37.67 17.85 0.20
C VAL A 163 -36.97 17.28 1.45
N ALA A 164 -36.20 16.21 1.19
CA ALA A 164 -35.23 15.67 2.14
C ALA A 164 -33.91 16.42 1.91
N PRO A 165 -33.42 17.13 2.93
CA PRO A 165 -32.21 17.93 2.68
C PRO A 165 -30.93 17.09 2.66
N VAL A 166 -29.90 17.58 1.99
CA VAL A 166 -28.52 17.16 2.31
C VAL A 166 -28.03 17.94 3.52
N LEU A 167 -27.06 17.35 4.24
CA LEU A 167 -26.40 18.03 5.35
C LEU A 167 -25.02 18.49 4.89
N ARG A 168 -24.72 19.75 5.21
CA ARG A 168 -23.44 20.36 4.90
C ARG A 168 -22.71 20.80 6.15
N PHE A 169 -21.39 20.72 6.10
CA PHE A 169 -20.53 21.22 7.18
C PHE A 169 -20.38 22.71 7.07
N ARG A 170 -20.45 23.39 8.21
CA ARG A 170 -20.25 24.82 8.28
C ARG A 170 -18.75 25.13 8.27
N ASN A 171 -18.18 25.24 7.06
CA ASN A 171 -16.77 25.52 6.89
C ASN A 171 -16.49 26.97 7.19
N PRO A 172 -15.30 27.29 7.75
CA PRO A 172 -15.02 28.70 8.00
C PRO A 172 -15.06 29.47 6.70
N LEU A 173 -15.60 30.68 6.73
CA LEU A 173 -15.57 31.54 5.54
C LEU A 173 -14.39 32.51 5.49
N THR A 174 -13.75 32.78 6.62
CA THR A 174 -12.64 33.73 6.66
C THR A 174 -11.34 33.00 6.97
N GLY A 175 -10.23 33.71 6.77
CA GLY A 175 -8.92 33.21 7.10
C GLY A 175 -8.43 32.12 6.18
N THR A 176 -7.44 31.38 6.65
CA THR A 176 -6.75 30.40 5.83
C THR A 176 -6.55 29.14 6.64
N VAL A 177 -6.42 28.00 5.96
CA VAL A 177 -6.07 26.73 6.58
C VAL A 177 -4.67 26.40 6.11
N ALA A 178 -3.78 26.16 7.05
CA ALA A 178 -2.36 25.89 6.73
C ALA A 178 -1.81 24.70 7.48
N TRP A 179 -0.89 23.97 6.86
CA TRP A 179 -0.15 22.93 7.61
C TRP A 179 1.28 22.83 7.11
N ASP A 180 2.18 22.37 7.96
CA ASP A 180 3.55 22.09 7.58
C ASP A 180 3.67 20.63 7.17
N ASP A 181 3.54 20.39 5.89
CA ASP A 181 3.56 19.04 5.35
C ASP A 181 4.99 18.53 5.45
N ALA A 182 5.17 17.34 6.01
CA ALA A 182 6.49 16.77 6.17
C ALA A 182 7.21 16.59 4.84
N VAL A 183 6.47 16.46 3.75
CA VAL A 183 7.08 16.31 2.44
C VAL A 183 7.06 17.62 1.70
N LYS A 184 5.88 18.21 1.57
CA LYS A 184 5.70 19.38 0.70
C LYS A 184 6.03 20.70 1.38
N GLY A 185 6.32 20.72 2.67
CA GLY A 185 6.53 21.99 3.38
C GLY A 185 5.21 22.68 3.65
N ARG A 186 5.27 24.01 3.86
CA ARG A 186 4.09 24.75 4.25
C ARG A 186 3.09 24.81 3.13
N VAL A 187 1.86 24.36 3.38
CA VAL A 187 0.78 24.51 2.40
C VAL A 187 -0.30 25.38 3.03
N GLU A 188 -0.83 26.33 2.27
CA GLU A 188 -1.80 27.27 2.80
C GLU A 188 -2.89 27.54 1.79
N ILE A 189 -4.14 27.46 2.22
CA ILE A 189 -5.28 27.61 1.32
C ILE A 189 -6.32 28.54 1.95
N SER A 190 -6.80 29.49 1.18
CA SER A 190 -7.82 30.42 1.67
C SER A 190 -9.13 29.66 1.89
N ASN A 191 -9.79 29.88 3.02
CA ASN A 191 -11.11 29.24 3.24
C ASN A 191 -12.15 29.72 2.24
N GLU A 192 -11.95 30.90 1.66
CA GLU A 192 -12.81 31.39 0.58
C GLU A 192 -12.84 30.48 -0.64
N GLU A 193 -11.73 29.80 -0.91
CA GLU A 193 -11.66 28.78 -1.97
C GLU A 193 -12.35 27.47 -1.64
N LEU A 194 -12.71 27.23 -0.37
CA LEU A 194 -13.37 25.99 0.01
C LEU A 194 -14.86 26.28 0.07
N ASP A 195 -15.65 25.26 0.34
CA ASP A 195 -17.09 25.44 0.48
C ASP A 195 -17.62 24.53 1.59
N ASP A 196 -18.93 24.58 1.80
CA ASP A 196 -19.57 23.84 2.84
C ASP A 196 -19.87 22.41 2.42
N LEU A 197 -18.81 21.58 2.51
CA LEU A 197 -18.81 20.14 2.18
C LEU A 197 -20.13 19.41 2.51
N VAL A 198 -20.71 18.67 1.55
CA VAL A 198 -21.80 17.76 1.87
C VAL A 198 -21.24 16.62 2.74
N VAL A 199 -21.81 16.44 3.91
CA VAL A 199 -21.38 15.38 4.80
C VAL A 199 -22.39 14.24 4.89
N ALA A 200 -23.63 14.47 4.44
CA ALA A 200 -24.65 13.41 4.38
C ALA A 200 -25.63 13.63 3.22
N ARG A 201 -25.93 12.54 2.52
CA ARG A 201 -26.92 12.51 1.45
C ARG A 201 -28.34 12.61 2.00
N PRO A 202 -29.31 12.86 1.11
CA PRO A 202 -30.69 12.99 1.63
C PRO A 202 -31.21 11.78 2.41
N ASP A 203 -30.74 10.56 2.12
CA ASP A 203 -31.13 9.38 2.92
C ASP A 203 -30.36 9.25 4.25
N GLY A 204 -29.49 10.21 4.55
CA GLY A 204 -28.76 10.21 5.81
C GLY A 204 -27.41 9.51 5.76
N THR A 205 -27.07 8.94 4.60
CA THR A 205 -25.80 8.23 4.48
C THR A 205 -24.61 9.21 4.49
N PRO A 206 -23.64 8.98 5.38
CA PRO A 206 -22.49 9.88 5.47
C PRO A 206 -21.58 9.80 4.27
N MET A 207 -20.99 10.92 3.93
CA MET A 207 -20.11 11.03 2.79
C MET A 207 -18.62 10.80 3.15
N TYR A 208 -17.85 10.43 2.13
CA TYR A 208 -16.47 9.94 2.28
C TYR A 208 -15.55 10.79 3.17
N ASN A 209 -15.40 12.07 2.87
CA ASN A 209 -14.46 12.92 3.63
C ASN A 209 -14.82 13.01 5.12
N PHE A 210 -16.10 13.05 5.39
CA PHE A 210 -16.58 13.03 6.76
C PHE A 210 -16.21 11.74 7.49
N CYS A 211 -16.42 10.60 6.84
CA CYS A 211 -16.02 9.31 7.41
C CYS A 211 -14.52 9.24 7.72
N VAL A 212 -13.70 9.76 6.82
CA VAL A 212 -12.27 9.83 7.08
C VAL A 212 -11.94 10.57 8.37
N VAL A 213 -12.53 11.78 8.54
CA VAL A 213 -12.26 12.60 9.71
C VAL A 213 -12.67 11.93 11.02
N VAL A 214 -13.88 11.39 11.05
CA VAL A 214 -14.33 10.65 12.21
C VAL A 214 -13.39 9.47 12.55
N ASP A 215 -12.92 8.76 11.53
CA ASP A 215 -12.00 7.64 11.77
C ASP A 215 -10.69 8.16 12.29
N ASP A 216 -10.14 9.22 11.68
CA ASP A 216 -8.88 9.77 12.15
C ASP A 216 -9.01 10.30 13.61
N LEU A 217 -10.16 10.84 13.93
CA LEU A 217 -10.42 11.27 15.32
C LEU A 217 -10.54 10.09 16.29
N ASP A 218 -11.41 9.17 15.97
CA ASP A 218 -11.71 8.00 16.83
C ASP A 218 -10.49 7.13 17.05
N MET A 219 -9.64 7.05 16.03
CA MET A 219 -8.47 6.17 16.08
C MET A 219 -7.20 6.89 16.58
N GLY A 220 -7.32 8.15 16.98
CA GLY A 220 -6.23 8.90 17.60
C GLY A 220 -5.02 9.11 16.71
N ILE A 221 -5.25 9.17 15.42
CA ILE A 221 -4.15 9.24 14.45
C ILE A 221 -3.27 10.46 14.66
N THR A 222 -1.96 10.24 14.80
CA THR A 222 -1.00 11.34 14.97
C THR A 222 -0.30 11.79 13.64
N HIS A 223 -0.17 10.88 12.68
CA HIS A 223 0.53 11.08 11.42
C HIS A 223 -0.26 10.45 10.29
N VAL A 224 -0.47 11.24 9.23
CA VAL A 224 -1.24 10.83 8.07
C VAL A 224 -0.22 10.88 6.91
N ILE A 225 0.29 9.72 6.54
CA ILE A 225 1.27 9.57 5.45
C ILE A 225 0.50 8.94 4.31
N ARG A 226 0.31 9.65 3.20
CA ARG A 226 -0.53 9.14 2.10
C ARG A 226 -0.11 9.79 0.81
N GLY A 227 -0.58 9.26 -0.33
CA GLY A 227 -0.33 9.81 -1.68
C GLY A 227 -0.73 11.29 -1.82
N ASP A 228 0.11 12.08 -2.49
CA ASP A 228 -0.23 13.48 -2.71
C ASP A 228 -1.41 13.70 -3.65
N ASP A 229 -1.97 12.64 -4.22
CA ASP A 229 -3.27 12.77 -4.90
C ASP A 229 -4.39 13.09 -3.94
N HIS A 230 -4.13 12.93 -2.64
CA HIS A 230 -5.09 13.33 -1.60
C HIS A 230 -4.89 14.70 -1.01
N VAL A 231 -3.91 15.46 -1.51
CA VAL A 231 -3.55 16.72 -0.88
C VAL A 231 -4.74 17.67 -0.87
N ASN A 232 -5.55 17.65 -1.93
CA ASN A 232 -6.68 18.58 -2.02
C ASN A 232 -7.80 18.32 -0.98
N ASN A 233 -7.89 17.10 -0.48
CA ASN A 233 -8.83 16.78 0.58
C ASN A 233 -8.36 17.23 1.98
N THR A 234 -7.07 17.55 2.12
CA THR A 234 -6.49 17.83 3.40
C THR A 234 -7.10 19.07 4.10
N PRO A 235 -7.23 20.20 3.40
CA PRO A 235 -7.78 21.39 4.09
C PRO A 235 -9.19 21.22 4.63
N ARG A 236 -10.04 20.57 3.85
CA ARG A 236 -11.40 20.29 4.30
C ARG A 236 -11.44 19.31 5.49
N GLN A 237 -10.56 18.29 5.47
CA GLN A 237 -10.48 17.36 6.58
C GLN A 237 -9.97 18.07 7.86
N ILE A 238 -8.94 18.90 7.71
CA ILE A 238 -8.39 19.63 8.84
C ILE A 238 -9.47 20.48 9.52
N ASN A 239 -10.25 21.22 8.71
CA ASN A 239 -11.25 22.09 9.27
C ASN A 239 -12.32 21.33 10.06
N ILE A 240 -12.75 20.18 9.56
CA ILE A 240 -13.75 19.38 10.28
C ILE A 240 -13.17 18.78 11.56
N LEU A 241 -11.97 18.23 11.46
CA LEU A 241 -11.29 17.64 12.59
C LEU A 241 -11.17 18.68 13.71
N ARG A 242 -10.67 19.88 13.37
CA ARG A 242 -10.59 20.94 14.35
C ARG A 242 -11.93 21.34 14.96
N ALA A 243 -12.95 21.54 14.12
CA ALA A 243 -14.26 21.93 14.57
C ALA A 243 -14.86 20.89 15.53
N LEU A 244 -14.48 19.61 15.37
CA LEU A 244 -14.91 18.53 16.26
C LEU A 244 -14.12 18.46 17.57
N GLY A 245 -13.07 19.24 17.69
CA GLY A 245 -12.28 19.30 18.91
C GLY A 245 -11.00 18.47 18.89
N GLY A 246 -10.67 17.86 17.76
CA GLY A 246 -9.46 17.03 17.67
C GLY A 246 -8.19 17.86 17.58
N GLU A 247 -7.05 17.17 17.68
CA GLU A 247 -5.73 17.76 17.42
C GLU A 247 -5.33 17.36 16.01
N VAL A 248 -4.91 18.32 15.21
CA VAL A 248 -4.59 18.06 13.79
C VAL A 248 -3.32 17.21 13.63
N PRO A 249 -3.38 16.09 12.90
CA PRO A 249 -2.14 15.33 12.79
C PRO A 249 -1.09 16.02 11.93
N VAL A 250 0.12 15.49 11.96
CA VAL A 250 1.12 15.78 10.95
C VAL A 250 0.75 15.03 9.65
N TYR A 251 0.77 15.75 8.54
CA TYR A 251 0.49 15.18 7.20
C TYR A 251 1.79 15.06 6.43
N ALA A 252 1.92 13.98 5.66
CA ALA A 252 3.08 13.76 4.78
C ALA A 252 2.55 13.22 3.47
N HIS A 253 2.55 14.06 2.44
CA HIS A 253 1.99 13.67 1.16
C HIS A 253 3.07 13.20 0.15
N LEU A 254 3.01 11.92 -0.14
CA LEU A 254 4.05 11.24 -0.95
C LEU A 254 3.92 11.61 -2.43
N PRO A 255 5.06 11.89 -3.10
CA PRO A 255 5.01 12.05 -4.54
C PRO A 255 4.62 10.77 -5.30
N THR A 256 4.23 10.93 -6.55
CA THR A 256 3.89 9.80 -7.39
C THR A 256 5.07 8.86 -7.60
N VAL A 257 4.75 7.63 -7.94
CA VAL A 257 5.70 6.65 -8.42
C VAL A 257 5.55 6.55 -9.93
N LEU A 258 6.68 6.66 -10.64
CA LEU A 258 6.69 6.57 -12.08
C LEU A 258 7.11 5.19 -12.59
N ASN A 259 6.56 4.82 -13.74
CA ASN A 259 6.99 3.59 -14.42
C ASN A 259 8.20 3.89 -15.29
N GLU A 260 8.72 2.87 -15.95
CA GLU A 260 9.93 3.05 -16.76
C GLU A 260 9.75 3.95 -17.96
N GLN A 261 8.50 4.19 -18.39
CA GLN A 261 8.21 5.15 -19.44
C GLN A 261 8.09 6.60 -18.92
N GLY A 262 8.22 6.81 -17.61
CA GLY A 262 8.09 8.16 -17.08
C GLY A 262 6.69 8.68 -16.93
N GLU A 263 5.73 7.76 -16.85
CA GLU A 263 4.31 8.07 -16.61
C GLU A 263 3.93 7.54 -15.24
N LYS A 264 2.80 7.96 -14.70
CA LYS A 264 2.41 7.49 -13.37
C LYS A 264 2.21 5.97 -13.43
N MET A 265 2.73 5.24 -12.44
CA MET A 265 2.57 3.79 -12.41
C MET A 265 1.09 3.51 -12.15
N SER A 266 0.47 2.66 -12.93
CA SER A 266 -0.96 2.40 -12.79
C SER A 266 -1.31 1.13 -13.54
N LYS A 267 -2.48 0.56 -13.21
CA LYS A 267 -2.97 -0.63 -13.89
C LYS A 267 -3.10 -0.35 -15.38
N ARG A 268 -3.74 0.77 -15.69
CA ARG A 268 -3.93 1.19 -17.10
C ARG A 268 -2.60 1.38 -17.81
N HIS A 269 -1.56 1.79 -17.08
CA HIS A 269 -0.25 1.97 -17.72
C HIS A 269 0.59 0.70 -17.69
N GLY A 270 -0.02 -0.43 -17.37
CA GLY A 270 0.66 -1.72 -17.45
C GLY A 270 1.38 -2.17 -16.19
N ALA A 271 1.08 -1.60 -15.03
CA ALA A 271 1.77 -1.98 -13.79
C ALA A 271 1.59 -3.47 -13.49
N MET A 272 2.60 -4.10 -12.91
CA MET A 272 2.36 -5.42 -12.32
C MET A 272 1.79 -5.33 -10.90
N SER A 273 0.86 -6.23 -10.59
CA SER A 273 0.31 -6.30 -9.23
C SER A 273 1.39 -6.78 -8.25
N VAL A 274 1.22 -6.42 -6.98
CA VAL A 274 2.11 -6.85 -5.90
C VAL A 274 2.31 -8.38 -5.91
N MET A 275 1.22 -9.14 -5.84
CA MET A 275 1.37 -10.60 -5.87
C MET A 275 1.82 -11.12 -7.23
N GLY A 276 1.66 -10.32 -8.28
CA GLY A 276 2.31 -10.58 -9.58
C GLY A 276 3.82 -10.69 -9.47
N TYR A 277 4.45 -9.84 -8.65
CA TYR A 277 5.90 -9.99 -8.40
C TYR A 277 6.28 -11.37 -7.80
N ARG A 278 5.55 -11.80 -6.79
CA ARG A 278 5.71 -13.12 -6.23
C ARG A 278 5.58 -14.19 -7.33
N ASP A 279 4.48 -14.13 -8.08
CA ASP A 279 4.23 -15.06 -9.17
C ASP A 279 5.30 -15.04 -10.26
N ALA A 280 6.03 -13.94 -10.41
CA ALA A 280 7.14 -13.89 -11.37
C ALA A 280 8.49 -14.31 -10.80
N GLY A 281 8.52 -14.68 -9.52
CA GLY A 281 9.75 -15.17 -8.90
C GLY A 281 10.55 -14.16 -8.08
N TYR A 282 9.93 -13.04 -7.65
CA TYR A 282 10.62 -12.06 -6.80
C TYR A 282 10.40 -12.45 -5.33
N LEU A 283 11.47 -12.41 -4.54
CA LEU A 283 11.42 -12.66 -3.11
C LEU A 283 10.94 -11.41 -2.36
N PRO A 284 10.12 -11.60 -1.29
CA PRO A 284 9.55 -10.49 -0.57
C PRO A 284 10.61 -9.58 0.04
N GLU A 285 11.70 -10.16 0.51
CA GLU A 285 12.75 -9.38 1.19
C GLU A 285 13.46 -8.47 0.18
N ALA A 286 13.52 -8.90 -1.07
CA ALA A 286 14.05 -8.10 -2.16
C ALA A 286 13.13 -6.96 -2.52
N VAL A 287 11.84 -7.28 -2.71
CA VAL A 287 10.85 -6.24 -3.05
C VAL A 287 10.77 -5.20 -1.91
N LEU A 288 10.85 -5.65 -0.66
CA LEU A 288 10.84 -4.74 0.49
C LEU A 288 12.02 -3.79 0.45
N ASN A 289 13.22 -4.31 0.26
CA ASN A 289 14.45 -3.49 0.21
C ASN A 289 14.38 -2.53 -0.98
N TYR A 290 13.88 -3.03 -2.12
CA TYR A 290 13.75 -2.18 -3.32
C TYR A 290 12.78 -0.98 -3.10
N LEU A 291 11.60 -1.31 -2.60
CA LEU A 291 10.52 -0.32 -2.45
C LEU A 291 10.85 0.70 -1.36
N ALA A 292 11.51 0.26 -0.30
CA ALA A 292 11.95 1.21 0.73
C ALA A 292 12.74 2.37 0.10
N ARG A 293 13.60 2.03 -0.84
CA ARG A 293 14.45 3.01 -1.51
C ARG A 293 13.81 3.69 -2.72
N LEU A 294 12.60 3.33 -3.04
CA LEU A 294 11.84 3.98 -4.10
C LEU A 294 10.97 5.09 -3.48
N GLY A 295 11.65 6.15 -3.04
CA GLY A 295 11.00 7.30 -2.38
C GLY A 295 11.60 7.76 -1.05
N TRP A 296 12.70 7.14 -0.65
CA TRP A 296 13.32 7.43 0.66
C TRP A 296 14.81 7.11 0.54
N SER A 297 15.67 7.81 1.28
CA SER A 297 17.12 7.56 1.18
C SER A 297 17.73 7.62 2.57
N HIS A 298 18.92 7.05 2.69
CA HIS A 298 19.71 7.14 3.92
C HIS A 298 21.18 7.14 3.50
N GLY A 299 21.66 8.30 3.07
CA GLY A 299 23.01 8.42 2.51
C GLY A 299 23.21 7.48 1.33
N ASP A 300 24.30 6.73 1.33
CA ASP A 300 24.59 5.82 0.19
C ASP A 300 23.87 4.49 0.22
N ALA A 301 23.14 4.19 1.29
CA ALA A 301 22.70 2.81 1.52
C ALA A 301 21.72 2.34 0.44
N GLU A 302 21.97 1.15 -0.11
CA GLU A 302 21.06 0.48 -1.06
C GLU A 302 20.62 -0.93 -0.62
N ILE A 303 21.46 -1.63 0.16
CA ILE A 303 21.19 -2.99 0.64
C ILE A 303 21.04 -2.95 2.14
N PHE A 304 19.90 -3.40 2.65
CA PHE A 304 19.69 -3.39 4.08
C PHE A 304 18.52 -4.29 4.41
N THR A 305 18.47 -4.73 5.66
CA THR A 305 17.36 -5.56 6.13
C THR A 305 16.18 -4.70 6.52
N ARG A 306 15.05 -5.35 6.73
CA ARG A 306 13.83 -4.77 7.25
C ARG A 306 14.04 -4.06 8.59
N GLU A 307 14.79 -4.71 9.46
CA GLU A 307 15.09 -4.19 10.79
C GLU A 307 15.93 -2.91 10.68
N GLN A 308 16.91 -2.90 9.79
CA GLN A 308 17.73 -1.70 9.58
CA GLN A 308 17.75 -1.72 9.54
C GLN A 308 16.90 -0.59 8.96
N PHE A 309 16.00 -0.93 8.03
CA PHE A 309 15.12 0.09 7.45
C PHE A 309 14.29 0.76 8.55
N VAL A 310 13.67 -0.06 9.38
CA VAL A 310 12.87 0.44 10.48
C VAL A 310 13.68 1.37 11.38
N GLU A 311 14.87 0.93 11.78
CA GLU A 311 15.74 1.75 12.60
C GLU A 311 16.08 3.09 11.92
N TRP A 312 16.25 3.12 10.59
CA TRP A 312 16.68 4.35 9.93
C TRP A 312 15.52 5.25 9.49
N PHE A 313 14.33 4.68 9.29
CA PHE A 313 13.30 5.40 8.60
C PHE A 313 12.96 6.75 9.27
N ASP A 314 12.78 7.78 8.46
CA ASP A 314 12.45 9.11 8.95
C ASP A 314 11.69 9.86 7.86
N LEU A 315 10.78 10.73 8.25
CA LEU A 315 10.01 11.51 7.28
C LEU A 315 10.84 12.56 6.53
N GLU A 316 11.90 13.06 7.19
CA GLU A 316 12.75 14.12 6.64
C GLU A 316 13.46 13.60 5.38
N HIS A 317 13.71 12.32 5.27
CA HIS A 317 14.40 11.82 4.07
C HIS A 317 13.49 11.11 3.06
N LEU A 318 12.18 11.28 3.20
CA LEU A 318 11.28 10.94 2.11
C LEU A 318 11.66 11.87 0.95
N GLY A 319 11.78 11.29 -0.25
CA GLY A 319 12.00 12.11 -1.44
C GLY A 319 10.88 13.08 -1.67
N LYS A 320 11.23 14.27 -2.19
CA LYS A 320 10.25 15.32 -2.43
C LYS A 320 9.74 15.40 -3.88
N SER A 321 10.32 14.58 -4.75
CA SER A 321 9.92 14.50 -6.16
CA SER A 321 9.89 14.52 -6.16
C SER A 321 9.62 13.06 -6.51
N PRO A 322 8.97 12.82 -7.65
CA PRO A 322 8.62 11.44 -7.97
C PRO A 322 9.80 10.50 -8.11
N ALA A 323 9.66 9.28 -7.62
CA ALA A 323 10.63 8.25 -7.83
C ALA A 323 10.24 7.40 -9.05
N GLN A 324 11.21 6.81 -9.73
CA GLN A 324 10.95 6.05 -10.96
C GLN A 324 11.37 4.59 -10.81
N TYR A 325 10.44 3.70 -11.09
CA TYR A 325 10.70 2.25 -11.11
C TYR A 325 11.84 1.91 -12.07
N ASP A 326 12.65 0.94 -11.67
CA ASP A 326 13.75 0.44 -12.50
C ASP A 326 13.88 -1.05 -12.26
N HIS A 327 13.35 -1.84 -13.21
CA HIS A 327 13.34 -3.29 -13.06
C HIS A 327 14.76 -3.89 -13.00
N ASN A 328 15.75 -3.23 -13.59
CA ASN A 328 17.17 -3.75 -13.54
C ASN A 328 17.73 -3.73 -12.13
N LYS A 329 17.47 -2.63 -11.42
CA LYS A 329 17.83 -2.50 -10.04
C LYS A 329 17.12 -3.56 -9.19
N LEU A 330 15.82 -3.75 -9.41
CA LEU A 330 15.07 -4.75 -8.65
C LEU A 330 15.65 -6.18 -8.89
N ASN A 331 15.99 -6.48 -10.13
CA ASN A 331 16.60 -7.74 -10.50
C ASN A 331 17.96 -7.96 -9.82
N TRP A 332 18.79 -6.94 -9.79
CA TRP A 332 20.09 -7.04 -9.08
C TRP A 332 19.88 -7.44 -7.62
N LEU A 333 18.98 -6.72 -6.94
CA LEU A 333 18.65 -7.01 -5.55
C LEU A 333 18.04 -8.39 -5.38
N ASN A 334 17.17 -8.81 -6.31
CA ASN A 334 16.58 -10.13 -6.19
C ASN A 334 17.64 -11.24 -6.35
N ASN A 335 18.59 -11.04 -7.24
CA ASN A 335 19.74 -11.98 -7.40
C ASN A 335 20.52 -12.06 -6.09
N HIS A 336 20.79 -10.89 -5.51
CA HIS A 336 21.49 -10.80 -4.24
C HIS A 336 20.79 -11.64 -3.17
N TYR A 337 19.46 -11.47 -3.05
CA TYR A 337 18.71 -12.14 -1.99
C TYR A 337 18.50 -13.66 -2.27
N ILE A 338 18.46 -14.03 -3.54
CA ILE A 338 18.39 -15.43 -3.95
C ILE A 338 19.64 -16.20 -3.46
N LYS A 339 20.81 -15.64 -3.69
CA LYS A 339 22.06 -16.21 -3.18
C LYS A 339 22.04 -16.40 -1.68
N GLU A 340 21.40 -15.46 -0.99
CA GLU A 340 21.33 -15.44 0.45
C GLU A 340 20.25 -16.39 1.00
N ALA A 341 19.25 -16.72 0.19
CA ALA A 341 18.13 -17.52 0.63
C ALA A 341 18.49 -18.98 0.85
N ASP A 342 17.83 -19.60 1.82
CA ASP A 342 17.98 -21.02 2.14
C ASP A 342 17.53 -21.89 0.97
N ASP A 343 18.26 -22.95 0.65
CA ASP A 343 17.96 -23.74 -0.53
C ASP A 343 16.66 -24.52 -0.48
N ALA A 344 16.30 -25.02 0.70
CA ALA A 344 15.03 -25.71 0.87
C ALA A 344 13.86 -24.74 0.69
N ARG A 345 13.99 -23.53 1.21
CA ARG A 345 13.00 -22.50 0.93
C ARG A 345 12.86 -22.24 -0.57
N LEU A 346 13.97 -22.07 -1.27
CA LEU A 346 13.94 -21.83 -2.70
C LEU A 346 13.27 -22.99 -3.47
N ALA A 347 13.59 -24.22 -3.04
CA ALA A 347 13.02 -25.43 -3.64
C ALA A 347 11.50 -25.37 -3.62
N GLY A 348 10.93 -25.06 -2.46
CA GLY A 348 9.49 -24.95 -2.33
C GLY A 348 8.88 -23.83 -3.18
N LEU A 349 9.59 -22.71 -3.26
CA LEU A 349 9.14 -21.59 -4.09
C LEU A 349 9.26 -21.93 -5.57
N ALA A 350 10.25 -22.74 -5.92
CA ALA A 350 10.46 -23.15 -7.30
C ALA A 350 9.37 -24.09 -7.88
N LYS A 351 8.69 -24.86 -7.04
CA LYS A 351 7.74 -25.91 -7.53
C LYS A 351 6.74 -25.40 -8.58
N PRO A 352 6.06 -24.27 -8.32
CA PRO A 352 5.14 -23.83 -9.37
C PRO A 352 5.80 -23.40 -10.70
N PHE A 353 7.07 -23.02 -10.69
CA PHE A 353 7.74 -22.67 -11.96
C PHE A 353 8.14 -23.93 -12.75
N PHE A 354 8.39 -25.02 -12.06
CA PHE A 354 8.73 -26.27 -12.75
C PHE A 354 7.50 -26.82 -13.46
N ALA A 355 6.35 -26.72 -12.82
CA ALA A 355 5.07 -27.10 -13.44
C ALA A 355 4.86 -26.33 -14.75
N ALA A 356 5.11 -25.02 -14.72
CA ALA A 356 5.00 -24.18 -15.92
C ALA A 356 5.93 -24.63 -17.06
N LEU A 357 6.91 -25.47 -16.73
CA LEU A 357 7.87 -26.00 -17.69
C LEU A 357 7.57 -27.48 -18.02
N GLY A 358 6.38 -27.96 -17.68
CA GLY A 358 6.03 -29.36 -17.88
C GLY A 358 6.81 -30.33 -17.01
N ILE A 359 7.18 -29.90 -15.80
CA ILE A 359 7.89 -30.72 -14.85
C ILE A 359 7.09 -30.83 -13.56
N ASP A 360 6.88 -32.06 -13.15
CA ASP A 360 5.82 -32.47 -12.26
C ASP A 360 6.39 -32.83 -10.89
N ALA A 361 5.60 -32.68 -9.84
CA ALA A 361 5.98 -33.09 -8.48
C ALA A 361 6.65 -34.48 -8.43
N GLY A 362 6.02 -35.47 -9.07
CA GLY A 362 6.54 -36.83 -9.15
C GLY A 362 7.88 -36.94 -9.86
N ALA A 363 8.01 -36.24 -10.99
CA ALA A 363 9.27 -36.19 -11.73
C ALA A 363 10.43 -35.54 -10.92
N ILE A 364 10.08 -34.67 -9.96
CA ILE A 364 11.07 -34.00 -9.10
C ILE A 364 11.54 -34.92 -7.98
N GLU A 365 10.59 -35.53 -7.27
CA GLU A 365 10.90 -36.52 -6.24
C GLU A 365 11.76 -37.67 -6.80
N GLN A 366 11.42 -38.12 -8.01
CA GLN A 366 12.15 -39.20 -8.70
C GLN A 366 13.51 -38.72 -9.27
N GLY A 367 13.60 -37.45 -9.64
CA GLY A 367 14.84 -36.91 -10.19
C GLY A 367 15.85 -36.55 -9.10
N PRO A 368 16.92 -35.86 -9.51
CA PRO A 368 17.91 -35.27 -8.60
C PRO A 368 17.28 -34.51 -7.42
N ASP A 369 18.01 -34.43 -6.31
CA ASP A 369 17.55 -33.72 -5.12
C ASP A 369 17.36 -32.22 -5.45
N LEU A 370 16.13 -31.73 -5.35
CA LEU A 370 15.83 -30.32 -5.71
C LEU A 370 16.59 -29.30 -4.85
N VAL A 371 16.76 -29.60 -3.56
CA VAL A 371 17.47 -28.71 -2.66
C VAL A 371 18.91 -28.52 -3.14
N SER A 372 19.57 -29.62 -3.52
CA SER A 372 20.93 -29.53 -4.05
C SER A 372 20.97 -28.83 -5.39
N VAL A 373 19.94 -29.06 -6.20
CA VAL A 373 19.88 -28.43 -7.51
C VAL A 373 19.80 -26.90 -7.38
N MET A 374 19.10 -26.45 -6.35
CA MET A 374 18.89 -25.02 -6.12
C MET A 374 20.23 -24.38 -5.78
N GLY A 375 20.94 -25.00 -4.82
CA GLY A 375 22.26 -24.50 -4.39
C GLY A 375 23.24 -24.39 -5.54
N LEU A 376 23.18 -25.33 -6.47
CA LEU A 376 24.10 -25.36 -7.58
C LEU A 376 23.79 -24.34 -8.69
N MET A 377 22.50 -24.10 -8.94
CA MET A 377 22.05 -23.32 -10.10
C MET A 377 21.60 -21.86 -9.82
N LYS A 378 21.49 -21.45 -8.57
CA LYS A 378 20.83 -20.14 -8.26
C LYS A 378 21.67 -18.88 -8.54
N ASP A 379 22.99 -19.03 -8.52
CA ASP A 379 23.87 -17.86 -8.50
C ASP A 379 23.71 -16.86 -9.66
N ARG A 380 23.43 -17.30 -10.87
CA ARG A 380 23.22 -16.38 -11.99
C ARG A 380 21.74 -15.87 -12.15
N ALA A 381 20.81 -16.37 -11.36
CA ALA A 381 19.38 -16.11 -11.59
C ALA A 381 18.95 -14.75 -11.04
N SER A 382 18.15 -14.00 -11.81
CA SER A 382 17.49 -12.78 -11.33
C SER A 382 16.14 -13.04 -10.68
N THR A 383 15.54 -14.21 -11.00
CA THR A 383 14.28 -14.64 -10.43
C THR A 383 14.25 -16.14 -10.10
N VAL A 384 13.32 -16.54 -9.23
CA VAL A 384 13.13 -17.96 -8.92
C VAL A 384 12.70 -18.71 -10.19
N LYS A 385 11.96 -18.03 -11.06
CA LYS A 385 11.59 -18.60 -12.34
C LYS A 385 12.82 -18.98 -13.16
N GLU A 386 13.80 -18.08 -13.25
CA GLU A 386 15.07 -18.39 -13.89
C GLU A 386 15.80 -19.56 -13.24
N ILE A 387 15.75 -19.67 -11.93
CA ILE A 387 16.38 -20.83 -11.31
C ILE A 387 15.79 -22.09 -11.96
N ALA A 388 14.47 -22.17 -12.01
CA ALA A 388 13.79 -23.37 -12.47
C ALA A 388 14.09 -23.66 -13.94
N GLU A 389 14.13 -22.60 -14.73
CA GLU A 389 14.49 -22.70 -16.14
C GLU A 389 15.92 -23.20 -16.33
N ASN A 390 16.85 -22.68 -15.55
CA ASN A 390 18.24 -23.12 -15.65
C ASN A 390 18.43 -24.56 -15.14
N SER A 391 17.51 -25.00 -14.27
CA SER A 391 17.59 -26.29 -13.61
C SER A 391 16.78 -27.42 -14.32
N ALA A 392 15.99 -27.06 -15.33
CA ALA A 392 15.09 -28.02 -15.98
C ALA A 392 15.86 -29.21 -16.60
N MET A 393 17.08 -28.94 -17.06
CA MET A 393 17.99 -29.98 -17.54
C MET A 393 18.17 -31.21 -16.61
N PHE A 394 17.92 -31.08 -15.32
CA PHE A 394 18.01 -32.21 -14.37
C PHE A 394 16.79 -33.12 -14.37
N TYR A 395 15.73 -32.71 -15.07
CA TYR A 395 14.44 -33.41 -15.00
C TYR A 395 13.82 -33.59 -16.39
N ARG A 396 14.57 -33.22 -17.42
CA ARG A 396 14.12 -33.34 -18.79
C ARG A 396 14.93 -34.44 -19.43
N ALA A 397 14.30 -35.15 -20.36
CA ALA A 397 15.01 -36.06 -21.24
C ALA A 397 15.90 -35.20 -22.14
N PRO A 398 17.23 -35.42 -22.13
CA PRO A 398 18.14 -34.72 -23.04
C PRO A 398 17.73 -34.70 -24.53
N ALA A 399 17.85 -33.52 -25.16
CA ALA A 399 17.62 -33.37 -26.60
C ALA A 399 18.86 -33.82 -27.40
N HIS A 465 26.27 -25.05 -21.16
CA HIS A 465 25.49 -24.77 -19.96
C HIS A 465 25.48 -25.93 -18.96
N THR A 466 26.46 -25.94 -18.05
CA THR A 466 26.44 -26.82 -16.89
C THR A 466 27.49 -26.39 -15.86
N PRO A 467 27.19 -26.54 -14.56
CA PRO A 467 28.23 -26.33 -13.55
C PRO A 467 29.29 -27.45 -13.57
N SER A 468 30.25 -27.37 -12.65
CA SER A 468 31.33 -28.35 -12.54
C SER A 468 30.82 -29.77 -12.79
N ILE A 469 31.40 -30.41 -13.81
CA ILE A 469 30.95 -31.73 -14.29
C ILE A 469 30.67 -32.68 -13.13
N ASP A 470 31.55 -32.68 -12.13
CA ASP A 470 31.48 -33.65 -11.02
C ASP A 470 30.25 -33.51 -10.12
N ALA A 471 29.91 -32.30 -9.74
CA ALA A 471 28.72 -32.06 -8.91
C ALA A 471 27.44 -32.43 -9.67
N VAL A 472 27.39 -32.03 -10.95
CA VAL A 472 26.30 -32.35 -11.86
C VAL A 472 26.08 -33.87 -11.94
N LEU A 473 27.16 -34.64 -12.16
CA LEU A 473 27.07 -36.08 -12.22
C LEU A 473 26.58 -36.67 -10.90
N LEU A 474 27.08 -36.17 -9.77
CA LEU A 474 26.70 -36.71 -8.46
C LEU A 474 25.19 -36.63 -8.25
N LEU A 475 24.58 -35.52 -8.65
CA LEU A 475 23.14 -35.30 -8.42
C LEU A 475 22.25 -36.19 -9.31
N PHE A 476 22.65 -36.39 -10.57
CA PHE A 476 22.12 -37.50 -11.39
C PHE A 476 22.63 -38.79 -10.76
N GLY A 477 21.78 -39.78 -10.55
CA GLY A 477 22.25 -41.05 -9.95
C GLY A 477 23.37 -41.77 -10.71
N ARG A 478 23.88 -42.85 -10.12
CA ARG A 478 24.84 -43.73 -10.80
C ARG A 478 24.21 -44.31 -12.08
N ASP A 479 23.02 -44.91 -11.93
CA ASP A 479 22.28 -45.55 -13.02
C ASP A 479 22.06 -44.60 -14.21
N VAL A 480 21.62 -43.38 -13.92
CA VAL A 480 21.32 -42.39 -14.96
C VAL A 480 22.57 -41.92 -15.72
N VAL A 481 23.65 -41.61 -15.00
CA VAL A 481 24.89 -41.19 -15.65
C VAL A 481 25.49 -42.36 -16.47
N VAL A 482 25.47 -43.56 -15.89
CA VAL A 482 26.05 -44.75 -16.56
C VAL A 482 25.41 -44.99 -17.94
N SER A 483 24.08 -45.15 -17.94
CA SER A 483 23.29 -45.38 -19.17
C SER A 483 23.43 -44.29 -20.25
N ARG A 484 23.33 -43.03 -19.85
CA ARG A 484 23.35 -41.92 -20.80
C ARG A 484 24.69 -41.82 -21.54
N ILE A 485 25.77 -42.24 -20.90
CA ILE A 485 27.09 -42.32 -21.53
C ILE A 485 27.09 -43.42 -22.61
N GLU A 486 26.91 -44.67 -22.18
CA GLU A 486 27.00 -45.83 -23.08
C GLU A 486 26.49 -45.55 -24.50
N ALA A 487 25.30 -44.95 -24.59
CA ALA A 487 24.69 -44.61 -25.87
C ALA A 487 25.53 -43.60 -26.66
#